data_8TKL
#
_entry.id   8TKL
#
_cell.length_a   47.152
_cell.length_b   146.452
_cell.length_c   67.688
_cell.angle_alpha   90.000
_cell.angle_beta   98.620
_cell.angle_gamma   90.000
#
_symmetry.space_group_name_H-M   'P 1 21 1'
#
loop_
_entity.id
_entity.type
_entity.pdbx_description
1 polymer 'Nuclear factor NF-kappa-B p50 subunit'
2 polymer 'Test 17-mer kappaB-like DNA'
3 polymer 'Test 17-mer kappaB-like DNA'
#
loop_
_entity_poly.entity_id
_entity_poly.type
_entity_poly.pdbx_seq_one_letter_code
_entity_poly.pdbx_strand_id
1 'polypeptide(L)'
;GPYLQILEQPKQRGFRFRYVCEGPSHGGLPGASSEKNKKSYPQVKICNYVGPAKVIVQLVTNGKNIHLHAHSLVGKHCED
GVCTVTAGPKDMVVGFANLGILHVTKKKVFETLEARMTEACIRGYNPGLLVHSDLAYLQAEGGGDRQLTDREKEIIRQAA
VQQTKEMDLSVVRLMFTAFLPDSTGSFTRRLEPVVSDAIYDSKAPNASNLKIVRMDRTAGCVTGGEEIYLLCDKVQKDDI
QIRFYEEEENGGVWEGFGDFSPTDVHRQFAIVFKTPKYKDVNITKPASVFVQLRRKSDLETSEPKPFLYYPE
;
A,B
2 'polydeoxyribonucleotide' (DT)(DC)(DA)(DG)(DG)(DG)(DG)(DA)(DA)(DT)(DT)(DC)(DC)(DC)(DC)(DT)(DC) C
3 'polydeoxyribonucleotide' (DA)(DG)(DA)(DG)(DG)(DG)(DG)(DA)(DA)(DT)(DT)(DC)(DC)(DC)(DC)(DT)(DG) D
#
# COMPACT_ATOMS: atom_id res chain seq x y z
N GLY A 1 37.91 -34.51 -1.58
CA GLY A 1 38.54 -33.23 -1.86
C GLY A 1 37.90 -32.08 -1.11
N PRO A 2 38.34 -30.86 -1.41
CA PRO A 2 37.79 -29.70 -0.70
C PRO A 2 36.38 -29.37 -1.16
N TYR A 3 35.58 -28.87 -0.23
CA TYR A 3 34.22 -28.45 -0.52
C TYR A 3 33.85 -27.29 0.38
N LEU A 4 32.62 -26.80 0.21
CA LEU A 4 32.08 -25.71 1.01
C LEU A 4 30.80 -26.19 1.68
N GLN A 5 30.75 -26.08 3.01
CA GLN A 5 29.60 -26.54 3.79
C GLN A 5 28.98 -25.34 4.49
N ILE A 6 27.67 -25.20 4.35
CA ILE A 6 26.94 -24.12 5.01
C ILE A 6 26.76 -24.49 6.48
N LEU A 7 27.48 -23.79 7.36
CA LEU A 7 27.36 -24.03 8.78
C LEU A 7 26.01 -23.56 9.30
N GLU A 8 25.62 -22.33 8.95
CA GLU A 8 24.34 -21.77 9.36
C GLU A 8 23.68 -21.10 8.16
N GLN A 9 22.48 -21.56 7.83
CA GLN A 9 21.70 -21.03 6.74
C GLN A 9 21.06 -19.70 7.14
N PRO A 10 20.67 -18.88 6.17
CA PRO A 10 19.92 -17.66 6.49
C PRO A 10 18.51 -17.97 6.95
N LYS A 11 17.92 -17.04 7.67
CA LYS A 11 16.53 -17.18 8.10
C LYS A 11 15.62 -17.10 6.88
N GLN A 12 14.79 -18.13 6.70
CA GLN A 12 13.97 -18.20 5.50
C GLN A 12 12.89 -17.12 5.50
N ARG A 13 12.34 -16.79 6.66
CA ARG A 13 11.23 -15.86 6.76
C ARG A 13 11.52 -14.87 7.89
N GLY A 14 11.03 -13.65 7.71
CA GLY A 14 11.22 -12.57 8.67
C GLY A 14 11.99 -11.38 8.12
N PHE A 15 12.81 -11.60 7.10
CA PHE A 15 13.60 -10.54 6.50
C PHE A 15 12.80 -9.82 5.42
N ARG A 16 12.94 -8.50 5.36
CA ARG A 16 12.19 -7.66 4.44
C ARG A 16 13.11 -7.18 3.34
N PHE A 17 12.77 -7.53 2.10
CA PHE A 17 13.51 -7.01 0.95
C PHE A 17 13.19 -5.54 0.77
N ARG A 18 14.19 -4.76 0.34
CA ARG A 18 14.03 -3.32 0.20
C ARG A 18 14.50 -2.87 -1.17
N TYR A 19 13.77 -1.90 -1.73
CA TYR A 19 14.11 -1.34 -3.03
C TYR A 19 15.19 -0.27 -2.86
N VAL A 20 15.64 0.29 -3.98
CA VAL A 20 16.60 1.38 -3.93
C VAL A 20 15.98 2.62 -3.29
N CYS A 21 14.66 2.77 -3.44
CA CYS A 21 13.97 3.95 -2.93
C CYS A 21 13.85 3.93 -1.42
N GLU A 22 13.67 2.75 -0.82
CA GLU A 22 13.48 2.66 0.62
C GLU A 22 14.69 3.17 1.40
N GLY A 23 15.85 3.20 0.78
CA GLY A 23 17.05 3.73 1.39
C GLY A 23 18.05 2.65 1.72
N PRO A 24 19.12 3.03 2.42
CA PRO A 24 20.15 2.05 2.76
C PRO A 24 20.23 1.80 4.25
N SER A 25 21.02 0.80 4.64
CA SER A 25 21.17 0.40 6.04
C SER A 25 19.83 0.25 6.75
N HIS A 26 19.14 -0.86 6.48
CA HIS A 26 17.89 -1.19 7.15
C HIS A 26 17.97 -2.53 7.88
N GLY A 27 19.11 -3.19 7.86
CA GLY A 27 19.29 -4.47 8.52
C GLY A 27 20.10 -5.37 7.62
N GLY A 28 20.70 -6.39 8.24
CA GLY A 28 21.47 -7.39 7.52
C GLY A 28 20.74 -8.71 7.55
N LEU A 29 20.94 -9.52 6.49
CA LEU A 29 20.31 -10.81 6.41
C LEU A 29 20.76 -11.67 7.58
N PRO A 30 19.86 -12.02 8.49
CA PRO A 30 20.25 -12.73 9.70
C PRO A 30 20.32 -14.23 9.52
N GLY A 31 21.06 -14.87 10.42
CA GLY A 31 21.18 -16.31 10.42
C GLY A 31 19.93 -16.99 10.95
N ALA A 32 19.93 -18.32 10.84
CA ALA A 32 18.78 -19.11 11.29
C ALA A 32 18.64 -19.11 12.80
N SER A 33 19.71 -18.83 13.54
CA SER A 33 19.68 -18.78 15.00
C SER A 33 19.85 -17.36 15.52
N SER A 34 19.49 -16.36 14.71
CA SER A 34 19.68 -14.96 15.04
C SER A 34 18.52 -14.44 15.88
N GLU A 35 18.46 -14.91 17.12
CA GLU A 35 17.49 -14.36 18.05
C GLU A 35 17.97 -12.99 18.53
N LYS A 36 17.09 -12.26 19.21
CA LYS A 36 17.49 -10.98 19.77
C LYS A 36 18.64 -11.16 20.75
N ASN A 37 19.60 -10.23 20.69
CA ASN A 37 20.83 -10.26 21.47
C ASN A 37 21.77 -11.35 20.98
N LYS A 38 21.22 -12.53 20.67
CA LYS A 38 22.00 -13.62 20.09
C LYS A 38 21.99 -13.50 18.56
N LYS A 39 22.46 -12.36 18.08
CA LYS A 39 22.41 -12.04 16.66
C LYS A 39 23.41 -12.89 15.89
N SER A 40 22.91 -13.82 15.09
CA SER A 40 23.73 -14.69 14.26
C SER A 40 23.57 -14.31 12.79
N TYR A 41 24.44 -14.88 11.95
CA TYR A 41 24.50 -14.55 10.54
C TYR A 41 24.81 -15.80 9.75
N PRO A 42 24.52 -15.81 8.45
CA PRO A 42 24.83 -16.99 7.63
C PRO A 42 26.32 -17.29 7.64
N GLN A 43 26.66 -18.55 7.90
CA GLN A 43 28.05 -18.96 7.99
C GLN A 43 28.31 -20.18 7.13
N VAL A 44 29.47 -20.18 6.47
CA VAL A 44 29.92 -21.28 5.62
C VAL A 44 31.31 -21.70 6.08
N LYS A 45 31.76 -22.85 5.60
CA LYS A 45 33.05 -23.39 6.00
C LYS A 45 33.68 -24.14 4.84
N ILE A 46 34.92 -23.81 4.51
CA ILE A 46 35.68 -24.52 3.49
C ILE A 46 36.38 -25.70 4.17
N CYS A 47 35.97 -26.90 3.81
CA CYS A 47 36.49 -28.12 4.42
C CYS A 47 37.48 -28.81 3.47
N ASN A 48 38.34 -29.64 4.07
CA ASN A 48 39.37 -30.41 3.37
C ASN A 48 40.42 -29.51 2.70
N TYR A 49 40.50 -28.26 3.13
CA TYR A 49 41.55 -27.35 2.69
C TYR A 49 41.81 -26.34 3.80
N VAL A 50 43.06 -26.24 4.22
CA VAL A 50 43.49 -25.27 5.22
C VAL A 50 44.34 -24.21 4.53
N GLY A 51 44.03 -22.95 4.79
CA GLY A 51 44.77 -21.85 4.19
C GLY A 51 43.85 -20.72 3.76
N PRO A 52 44.44 -19.61 3.34
CA PRO A 52 43.63 -18.47 2.90
C PRO A 52 42.91 -18.76 1.59
N ALA A 53 41.68 -18.27 1.49
CA ALA A 53 40.86 -18.42 0.29
C ALA A 53 39.90 -17.24 0.22
N LYS A 54 38.98 -17.28 -0.74
CA LYS A 54 37.97 -16.24 -0.88
C LYS A 54 36.61 -16.88 -1.05
N VAL A 55 35.56 -16.18 -0.58
CA VAL A 55 34.20 -16.67 -0.68
C VAL A 55 33.33 -15.56 -1.26
N ILE A 56 32.59 -15.87 -2.32
CA ILE A 56 31.66 -14.95 -2.94
C ILE A 56 30.24 -15.46 -2.73
N VAL A 57 29.31 -14.53 -2.63
CA VAL A 57 27.89 -14.82 -2.46
C VAL A 57 27.12 -14.08 -3.53
N GLN A 58 26.22 -14.78 -4.21
CA GLN A 58 25.39 -14.17 -5.24
C GLN A 58 23.95 -14.65 -5.10
N LEU A 59 23.02 -13.83 -5.56
CA LEU A 59 21.60 -14.17 -5.50
C LEU A 59 21.19 -15.04 -6.68
N VAL A 60 20.53 -16.15 -6.40
CA VAL A 60 20.06 -17.09 -7.41
C VAL A 60 18.57 -17.33 -7.21
N THR A 61 17.97 -18.01 -8.19
CA THR A 61 16.53 -18.24 -8.20
C THR A 61 16.17 -19.40 -7.28
N ASN A 62 14.87 -19.51 -6.99
CA ASN A 62 14.35 -20.53 -6.10
C ASN A 62 13.90 -21.81 -6.82
N GLY A 63 13.60 -21.73 -8.12
CA GLY A 63 13.11 -22.89 -8.83
C GLY A 63 14.17 -23.97 -9.01
N LYS A 64 13.77 -25.01 -9.72
CA LYS A 64 14.68 -26.14 -9.99
C LYS A 64 15.88 -25.68 -10.81
N ASN A 65 15.66 -24.79 -11.79
CA ASN A 65 16.71 -24.34 -12.68
C ASN A 65 17.38 -23.14 -12.03
N ILE A 66 18.62 -23.34 -11.57
CA ILE A 66 19.36 -22.27 -10.90
C ILE A 66 19.80 -21.23 -11.92
N HIS A 67 19.45 -19.96 -11.65
CA HIS A 67 19.81 -18.85 -12.52
C HIS A 67 19.98 -17.61 -11.67
N LEU A 68 20.64 -16.60 -12.24
CA LEU A 68 20.82 -15.34 -11.55
C LEU A 68 19.48 -14.68 -11.27
N HIS A 69 19.43 -13.93 -10.18
CA HIS A 69 18.22 -13.24 -9.76
C HIS A 69 18.42 -11.74 -9.93
N ALA A 70 17.38 -11.05 -10.41
CA ALA A 70 17.49 -9.61 -10.64
C ALA A 70 17.68 -8.84 -9.34
N HIS A 71 17.28 -9.41 -8.20
CA HIS A 71 17.57 -8.80 -6.92
C HIS A 71 19.08 -8.79 -6.67
N SER A 72 19.54 -7.80 -5.91
CA SER A 72 20.97 -7.64 -5.67
C SER A 72 21.27 -7.82 -4.18
N LEU A 73 22.56 -8.00 -3.89
CA LEU A 73 23.03 -8.02 -2.51
C LEU A 73 23.77 -6.71 -2.23
N VAL A 74 23.24 -5.91 -1.31
CA VAL A 74 23.82 -4.61 -0.98
C VAL A 74 24.45 -4.69 0.41
N GLY A 75 25.56 -3.99 0.57
CA GLY A 75 26.28 -3.96 1.83
C GLY A 75 27.76 -3.79 1.57
N LYS A 76 28.52 -3.79 2.67
CA LYS A 76 29.97 -3.77 2.51
C LYS A 76 30.42 -5.10 1.92
N HIS A 77 31.57 -5.09 1.24
CA HIS A 77 32.17 -6.21 0.52
C HIS A 77 31.32 -6.61 -0.67
N CYS A 78 30.16 -5.99 -0.88
CA CYS A 78 29.26 -6.29 -1.98
C CYS A 78 29.37 -5.20 -3.03
N GLU A 79 29.67 -5.58 -4.27
CA GLU A 79 29.71 -4.65 -5.39
C GLU A 79 28.95 -5.27 -6.55
N ASP A 80 27.96 -4.52 -7.05
CA ASP A 80 27.15 -4.95 -8.19
C ASP A 80 26.40 -6.25 -7.93
N GLY A 81 26.02 -6.48 -6.67
CA GLY A 81 25.18 -7.61 -6.32
C GLY A 81 25.90 -8.84 -5.83
N VAL A 82 27.22 -8.89 -5.94
CA VAL A 82 28.02 -10.03 -5.49
C VAL A 82 28.87 -9.59 -4.31
N CYS A 83 28.84 -10.37 -3.23
CA CYS A 83 29.57 -10.05 -2.01
C CYS A 83 30.79 -10.96 -1.91
N THR A 84 31.98 -10.37 -2.01
CA THR A 84 33.23 -11.11 -1.97
C THR A 84 33.97 -10.78 -0.67
N VAL A 85 34.41 -11.81 0.04
CA VAL A 85 35.14 -11.61 1.30
C VAL A 85 36.21 -12.69 1.42
N THR A 86 37.37 -12.30 1.93
CA THR A 86 38.47 -13.24 2.10
C THR A 86 38.28 -14.05 3.38
N ALA A 87 38.41 -15.37 3.25
CA ALA A 87 38.29 -16.25 4.41
C ALA A 87 39.53 -16.12 5.29
N GLY A 88 39.38 -16.55 6.54
CA GLY A 88 40.47 -16.52 7.49
C GLY A 88 41.61 -17.43 7.06
N PRO A 89 42.84 -17.09 7.48
CA PRO A 89 43.98 -17.95 7.13
C PRO A 89 43.97 -19.27 7.88
N LYS A 90 43.34 -19.31 9.04
CA LYS A 90 43.20 -20.51 9.86
C LYS A 90 41.76 -20.87 10.17
N ASP A 91 40.90 -19.88 10.40
CA ASP A 91 39.48 -20.11 10.64
C ASP A 91 38.81 -20.23 9.28
N MET A 92 38.63 -21.47 8.82
CA MET A 92 38.01 -21.75 7.53
C MET A 92 36.53 -21.44 7.51
N VAL A 93 36.03 -20.76 8.54
CA VAL A 93 34.63 -20.36 8.63
C VAL A 93 34.51 -18.90 8.24
N VAL A 94 33.42 -18.58 7.54
CA VAL A 94 33.15 -17.25 7.00
C VAL A 94 31.72 -16.89 7.33
N GLY A 95 31.52 -15.72 7.95
CA GLY A 95 30.21 -15.21 8.24
C GLY A 95 29.86 -14.02 7.36
N PHE A 96 28.57 -13.77 7.15
CA PHE A 96 28.11 -12.70 6.27
C PHE A 96 27.09 -11.85 7.02
N ALA A 97 27.53 -10.73 7.57
CA ALA A 97 26.68 -9.80 8.28
C ALA A 97 26.45 -8.54 7.46
N ASN A 98 25.42 -7.79 7.84
CA ASN A 98 25.07 -6.52 7.20
C ASN A 98 24.81 -6.71 5.70
N LEU A 99 24.10 -7.78 5.36
CA LEU A 99 23.73 -8.07 3.98
C LEU A 99 22.26 -7.74 3.77
N GLY A 100 21.99 -6.74 2.93
CA GLY A 100 20.63 -6.43 2.52
C GLY A 100 20.32 -6.99 1.15
N ILE A 101 19.04 -7.20 0.89
CA ILE A 101 18.58 -7.78 -0.37
C ILE A 101 17.82 -6.70 -1.12
N LEU A 102 18.45 -6.15 -2.15
CA LEU A 102 17.87 -5.09 -2.96
C LEU A 102 16.82 -5.68 -3.88
N HIS A 103 15.56 -5.33 -3.61
CA HIS A 103 14.43 -5.76 -4.42
C HIS A 103 14.28 -4.87 -5.64
N VAL A 104 14.23 -5.48 -6.83
CA VAL A 104 14.12 -4.76 -8.08
C VAL A 104 12.65 -4.68 -8.49
N THR A 105 12.32 -3.67 -9.28
CA THR A 105 10.98 -3.51 -9.81
C THR A 105 10.72 -4.55 -10.90
N LYS A 106 9.45 -4.88 -11.11
CA LYS A 106 9.09 -5.85 -12.14
C LYS A 106 9.49 -5.34 -13.53
N LYS A 107 9.33 -4.05 -13.77
CA LYS A 107 9.74 -3.48 -15.06
C LYS A 107 11.25 -3.49 -15.22
N LYS A 108 11.99 -3.30 -14.13
CA LYS A 108 13.44 -3.22 -14.16
C LYS A 108 14.10 -4.59 -13.99
N VAL A 109 13.34 -5.67 -14.20
CA VAL A 109 13.90 -7.02 -14.07
C VAL A 109 14.91 -7.28 -15.18
N PHE A 110 14.48 -7.14 -16.43
CA PHE A 110 15.35 -7.43 -17.57
C PHE A 110 16.64 -6.62 -17.53
N GLU A 111 16.52 -5.30 -17.38
CA GLU A 111 17.69 -4.43 -17.32
C GLU A 111 18.70 -4.85 -16.27
N THR A 112 18.23 -5.04 -15.03
CA THR A 112 19.13 -5.41 -13.94
C THR A 112 19.72 -6.79 -14.16
N LEU A 113 18.89 -7.74 -14.59
CA LEU A 113 19.36 -9.10 -14.83
C LEU A 113 20.47 -9.12 -15.86
N GLU A 114 20.25 -8.46 -17.01
CA GLU A 114 21.30 -8.38 -18.03
C GLU A 114 22.56 -7.70 -17.51
N ALA A 115 22.42 -6.61 -16.76
CA ALA A 115 23.60 -5.92 -16.24
C ALA A 115 24.40 -6.81 -15.32
N ARG A 116 23.73 -7.57 -14.46
CA ARG A 116 24.44 -8.40 -13.51
C ARG A 116 24.95 -9.68 -14.17
N MET A 117 24.32 -10.09 -15.28
CA MET A 117 24.88 -11.19 -16.06
C MET A 117 26.18 -10.76 -16.73
N THR A 118 26.18 -9.58 -17.35
CA THR A 118 27.41 -9.01 -17.90
C THR A 118 28.50 -8.97 -16.84
N GLU A 119 28.17 -8.50 -15.64
CA GLU A 119 29.15 -8.48 -14.56
C GLU A 119 29.66 -9.88 -14.23
N ALA A 120 28.73 -10.84 -14.05
CA ALA A 120 29.13 -12.20 -13.72
C ALA A 120 29.97 -12.84 -14.81
N CYS A 121 29.81 -12.40 -16.05
CA CYS A 121 30.63 -12.95 -17.13
C CYS A 121 32.00 -12.29 -17.21
N ILE A 122 32.07 -10.99 -16.95
CA ILE A 122 33.38 -10.33 -17.00
C ILE A 122 34.24 -10.76 -15.81
N ARG A 123 33.62 -11.05 -14.67
CA ARG A 123 34.39 -11.47 -13.50
C ARG A 123 34.56 -12.99 -13.42
N GLY A 124 33.87 -13.75 -14.26
CA GLY A 124 34.03 -15.20 -14.25
C GLY A 124 33.44 -15.89 -13.05
N TYR A 125 32.42 -15.31 -12.43
CA TYR A 125 31.78 -15.88 -11.25
C TYR A 125 30.67 -16.82 -11.71
N ASN A 126 31.04 -18.07 -11.97
CA ASN A 126 30.12 -19.09 -12.45
C ASN A 126 29.29 -18.61 -13.64
N PRO A 127 29.93 -18.30 -14.78
CA PRO A 127 29.14 -17.78 -15.91
C PRO A 127 28.27 -18.83 -16.56
N GLY A 128 28.77 -20.06 -16.69
CA GLY A 128 28.00 -21.13 -17.32
C GLY A 128 26.92 -21.73 -16.45
N LEU A 129 27.05 -21.62 -15.12
CA LEU A 129 26.07 -22.24 -14.22
C LEU A 129 24.83 -21.36 -14.04
N LEU A 130 24.97 -20.05 -14.14
CA LEU A 130 23.90 -19.11 -13.84
C LEU A 130 23.31 -18.45 -15.07
N VAL A 131 24.13 -18.13 -16.07
CA VAL A 131 23.63 -17.47 -17.29
C VAL A 131 23.28 -18.53 -18.32
N HIS A 132 24.32 -19.09 -18.94
CA HIS A 132 24.12 -20.15 -19.93
C HIS A 132 25.40 -20.95 -20.07
N SER A 133 25.24 -22.25 -20.32
CA SER A 133 26.39 -23.15 -20.42
C SER A 133 27.32 -22.80 -21.57
N ASP A 134 26.81 -22.12 -22.61
CA ASP A 134 27.65 -21.75 -23.74
C ASP A 134 28.85 -20.93 -23.30
N LEU A 135 28.75 -20.21 -22.19
CA LEU A 135 29.84 -19.41 -21.65
C LEU A 135 30.38 -20.01 -20.35
N ALA A 136 30.52 -21.34 -20.32
CA ALA A 136 31.05 -22.04 -19.16
C ALA A 136 32.55 -22.27 -19.25
N TYR A 137 33.24 -21.54 -20.13
CA TYR A 137 34.67 -21.69 -20.34
C TYR A 137 35.45 -20.52 -19.74
N LEU A 138 34.77 -19.62 -19.03
CA LEU A 138 35.39 -18.41 -18.50
C LEU A 138 35.67 -18.54 -17.01
N GLN A 139 36.38 -19.60 -16.60
CA GLN A 139 36.71 -19.83 -15.20
C GLN A 139 37.97 -19.04 -14.90
N ALA A 140 37.80 -17.72 -14.98
CA ALA A 140 38.85 -16.74 -14.70
C ALA A 140 40.07 -17.00 -15.59
N GLU A 141 39.79 -17.35 -16.85
CA GLU A 141 40.87 -17.53 -17.82
C GLU A 141 41.56 -16.20 -18.02
N GLY A 142 42.86 -16.15 -17.75
CA GLY A 142 43.56 -14.89 -17.80
C GLY A 142 43.51 -14.20 -16.46
N GLY A 143 44.32 -13.15 -16.32
CA GLY A 143 44.37 -12.42 -15.09
C GLY A 143 43.59 -11.12 -15.12
N GLY A 144 42.62 -11.01 -14.22
CA GLY A 144 41.85 -9.78 -14.07
C GLY A 144 40.87 -9.43 -15.16
N ASP A 145 41.19 -8.38 -15.92
CA ASP A 145 40.29 -7.85 -16.93
C ASP A 145 40.02 -8.88 -18.02
N ARG A 146 38.75 -9.01 -18.40
CA ARG A 146 38.28 -10.00 -19.37
C ARG A 146 37.16 -9.34 -20.16
N GLN A 147 37.55 -8.50 -21.13
CA GLN A 147 36.56 -7.87 -22.01
C GLN A 147 35.76 -8.92 -22.74
N LEU A 148 34.48 -8.64 -22.95
CA LEU A 148 33.60 -9.59 -23.61
C LEU A 148 33.54 -9.30 -25.11
N THR A 149 33.14 -10.33 -25.86
CA THR A 149 33.03 -10.22 -27.31
C THR A 149 31.63 -9.74 -27.68
N ASP A 150 31.29 -9.85 -28.96
CA ASP A 150 29.96 -9.45 -29.41
C ASP A 150 28.95 -10.57 -29.30
N ARG A 151 29.34 -11.81 -29.66
CA ARG A 151 28.44 -12.94 -29.50
C ARG A 151 28.13 -13.21 -28.03
N GLU A 152 29.11 -13.00 -27.15
CA GLU A 152 28.88 -13.21 -25.73
C GLU A 152 27.78 -12.30 -25.21
N LYS A 153 27.71 -11.06 -25.70
CA LYS A 153 26.61 -10.19 -25.32
C LYS A 153 25.28 -10.70 -25.86
N GLU A 154 25.29 -11.31 -27.06
CA GLU A 154 24.07 -11.90 -27.60
C GLU A 154 23.53 -12.99 -26.68
N ILE A 155 24.41 -13.85 -26.17
CA ILE A 155 23.98 -14.93 -25.28
C ILE A 155 23.42 -14.34 -23.98
N ILE A 156 24.02 -13.25 -23.49
CA ILE A 156 23.55 -12.62 -22.26
C ILE A 156 22.13 -12.11 -22.44
N ARG A 157 21.85 -11.44 -23.55
CA ARG A 157 20.51 -10.90 -23.78
C ARG A 157 19.49 -12.01 -24.00
N GLN A 158 19.90 -13.12 -24.62
CA GLN A 158 18.98 -14.24 -24.80
C GLN A 158 18.58 -14.85 -23.47
N ALA A 159 19.56 -15.08 -22.58
CA ALA A 159 19.27 -15.60 -21.25
C ALA A 159 18.41 -14.63 -20.45
N ALA A 160 18.63 -13.33 -20.63
CA ALA A 160 17.87 -12.35 -19.86
C ALA A 160 16.39 -12.33 -20.26
N VAL A 161 16.12 -12.39 -21.57
CA VAL A 161 14.73 -12.34 -22.03
C VAL A 161 13.97 -13.59 -21.61
N GLN A 162 14.66 -14.74 -21.50
CA GLN A 162 13.97 -15.98 -21.15
C GLN A 162 13.74 -16.11 -19.65
N GLN A 163 14.57 -15.50 -18.82
CA GLN A 163 14.46 -15.63 -17.37
C GLN A 163 13.64 -14.54 -16.72
N THR A 164 13.14 -13.58 -17.51
CA THR A 164 12.30 -12.52 -16.95
C THR A 164 10.89 -13.02 -16.65
N LYS A 165 10.33 -13.87 -17.52
CA LYS A 165 8.99 -14.40 -17.31
C LYS A 165 8.95 -15.57 -16.35
N GLU A 166 10.09 -15.98 -15.79
CA GLU A 166 10.15 -17.15 -14.91
C GLU A 166 10.71 -16.80 -13.53
N MET A 167 10.76 -15.52 -13.17
CA MET A 167 11.42 -15.08 -11.94
C MET A 167 10.38 -14.66 -10.90
N ASP A 168 10.52 -15.21 -9.70
CA ASP A 168 9.69 -14.84 -8.56
C ASP A 168 10.42 -13.76 -7.77
N LEU A 169 9.89 -12.53 -7.80
CA LEU A 169 10.55 -11.41 -7.13
C LEU A 169 10.43 -11.48 -5.61
N SER A 170 9.66 -12.42 -5.07
CA SER A 170 9.43 -12.50 -3.63
C SER A 170 10.30 -13.54 -2.92
N VAL A 171 11.05 -14.34 -3.66
CA VAL A 171 11.89 -15.38 -3.07
C VAL A 171 13.21 -15.45 -3.81
N VAL A 172 14.31 -15.58 -3.07
CA VAL A 172 15.66 -15.69 -3.61
C VAL A 172 16.38 -16.81 -2.88
N ARG A 173 17.61 -17.08 -3.32
CA ARG A 173 18.50 -18.03 -2.66
C ARG A 173 19.91 -17.47 -2.71
N LEU A 174 20.74 -17.91 -1.76
CA LEU A 174 22.15 -17.53 -1.72
C LEU A 174 22.99 -18.65 -2.31
N MET A 175 23.88 -18.30 -3.23
CA MET A 175 24.85 -19.22 -3.78
C MET A 175 26.23 -18.78 -3.32
N PHE A 176 26.90 -19.64 -2.56
CA PHE A 176 28.24 -19.39 -2.05
C PHE A 176 29.24 -20.15 -2.92
N THR A 177 30.20 -19.43 -3.49
CA THR A 177 31.25 -20.02 -4.31
C THR A 177 32.60 -19.71 -3.68
N ALA A 178 33.37 -20.76 -3.41
CA ALA A 178 34.69 -20.61 -2.83
C ALA A 178 35.75 -20.60 -3.92
N PHE A 179 36.82 -19.84 -3.69
CA PHE A 179 37.92 -19.70 -4.62
C PHE A 179 39.22 -19.91 -3.86
N LEU A 180 39.95 -20.96 -4.22
CA LEU A 180 41.24 -21.32 -3.70
C LEU A 180 42.34 -20.72 -4.58
N PRO A 181 43.48 -20.36 -3.99
CA PRO A 181 44.55 -19.75 -4.78
C PRO A 181 45.18 -20.77 -5.73
N ASP A 182 45.87 -20.23 -6.74
CA ASP A 182 46.60 -21.01 -7.73
C ASP A 182 48.10 -20.78 -7.50
N SER A 183 48.89 -20.88 -8.57
CA SER A 183 50.32 -20.63 -8.45
C SER A 183 50.60 -19.17 -8.10
N THR A 184 50.12 -18.25 -8.94
CA THR A 184 50.40 -16.82 -8.75
C THR A 184 49.82 -16.27 -7.45
N GLY A 185 48.97 -17.01 -6.76
CA GLY A 185 48.37 -16.55 -5.53
C GLY A 185 46.97 -16.00 -5.67
N SER A 186 46.54 -15.72 -6.91
CA SER A 186 45.19 -15.22 -7.13
C SER A 186 44.17 -16.33 -6.87
N PHE A 187 43.07 -15.96 -6.23
CA PHE A 187 42.02 -16.92 -5.91
C PHE A 187 41.26 -17.25 -7.19
N THR A 188 41.49 -18.45 -7.72
CA THR A 188 40.92 -18.84 -9.01
C THR A 188 40.41 -20.28 -9.07
N ARG A 189 40.90 -21.19 -8.23
CA ARG A 189 40.45 -22.58 -8.28
C ARG A 189 39.06 -22.67 -7.66
N ARG A 190 38.05 -22.88 -8.51
CA ARG A 190 36.67 -22.88 -8.09
C ARG A 190 36.24 -24.30 -7.71
N LEU A 191 35.71 -24.45 -6.50
CA LEU A 191 35.07 -25.69 -6.08
C LEU A 191 33.56 -25.59 -6.30
N GLU A 192 32.87 -26.70 -6.05
CA GLU A 192 31.44 -26.77 -6.29
C GLU A 192 30.68 -25.78 -5.41
N PRO A 193 29.94 -24.85 -5.99
CA PRO A 193 29.14 -23.93 -5.17
C PRO A 193 27.96 -24.64 -4.52
N VAL A 194 27.45 -24.04 -3.45
CA VAL A 194 26.35 -24.59 -2.67
C VAL A 194 25.25 -23.54 -2.57
N VAL A 195 24.01 -23.97 -2.80
CA VAL A 195 22.85 -23.10 -2.72
C VAL A 195 22.30 -23.14 -1.30
N SER A 196 21.80 -22.00 -0.83
CA SER A 196 21.27 -21.88 0.51
C SER A 196 19.78 -22.21 0.53
N ASP A 197 19.17 -22.08 1.71
CA ASP A 197 17.73 -22.22 1.84
C ASP A 197 17.02 -21.05 1.14
N ALA A 198 15.74 -21.24 0.87
CA ALA A 198 14.95 -20.19 0.25
C ALA A 198 14.74 -19.04 1.22
N ILE A 199 14.89 -17.82 0.71
CA ILE A 199 14.70 -16.61 1.50
C ILE A 199 13.45 -15.91 0.98
N TYR A 200 12.45 -15.79 1.85
CA TYR A 200 11.15 -15.24 1.47
C TYR A 200 11.01 -13.81 1.96
N ASP A 201 10.62 -12.91 1.05
CA ASP A 201 10.42 -11.51 1.40
C ASP A 201 9.28 -11.34 2.39
N SER A 202 9.50 -10.48 3.39
CA SER A 202 8.46 -10.21 4.37
C SER A 202 7.32 -9.40 3.79
N LYS A 203 7.55 -8.69 2.69
CA LYS A 203 6.48 -7.95 2.04
C LYS A 203 5.60 -8.83 1.16
N ALA A 204 5.96 -10.10 0.98
CA ALA A 204 5.09 -11.03 0.29
C ALA A 204 3.99 -11.47 1.24
N PRO A 205 2.71 -11.28 0.89
CA PRO A 205 1.64 -11.63 1.84
C PRO A 205 1.53 -13.12 2.12
N ASN A 206 2.04 -13.97 1.24
CA ASN A 206 1.97 -15.42 1.41
C ASN A 206 3.18 -15.99 2.14
N ALA A 207 4.14 -15.14 2.54
CA ALA A 207 5.32 -15.64 3.23
C ALA A 207 5.80 -14.69 4.32
N SER A 208 4.93 -13.84 4.85
CA SER A 208 5.31 -12.91 5.89
C SER A 208 5.36 -13.63 7.24
N ASN A 209 5.54 -12.88 8.33
CA ASN A 209 5.59 -13.45 9.66
C ASN A 209 4.19 -13.47 10.26
N LEU A 210 3.75 -14.64 10.71
CA LEU A 210 2.44 -14.80 11.31
C LEU A 210 2.54 -14.51 12.80
N LYS A 211 1.87 -13.45 13.25
CA LYS A 211 1.97 -13.00 14.62
C LYS A 211 0.58 -12.64 15.15
N ILE A 212 0.23 -13.18 16.32
CA ILE A 212 -1.00 -12.84 17.00
C ILE A 212 -0.68 -11.65 17.90
N VAL A 213 -1.08 -10.45 17.46
CA VAL A 213 -0.73 -9.25 18.22
C VAL A 213 -1.53 -9.17 19.51
N ARG A 214 -2.83 -9.43 19.44
CA ARG A 214 -3.68 -9.25 20.62
C ARG A 214 -4.96 -10.06 20.45
N MET A 215 -5.55 -10.44 21.59
CA MET A 215 -6.82 -11.14 21.61
C MET A 215 -7.69 -10.52 22.69
N ASP A 216 -8.98 -10.38 22.38
CA ASP A 216 -9.90 -9.77 23.33
C ASP A 216 -10.23 -10.71 24.48
N ARG A 217 -10.54 -11.97 24.16
CA ARG A 217 -10.89 -12.97 25.16
C ARG A 217 -9.85 -14.08 25.12
N THR A 218 -9.08 -14.20 26.20
CA THR A 218 -8.00 -15.18 26.31
C THR A 218 -8.45 -16.48 26.95
N ALA A 219 -9.69 -16.59 27.41
CA ALA A 219 -10.17 -17.79 28.06
C ALA A 219 -11.64 -17.99 27.73
N GLY A 220 -11.95 -19.12 27.11
CA GLY A 220 -13.32 -19.46 26.72
C GLY A 220 -13.84 -20.68 27.46
N CYS A 221 -15.07 -21.04 27.10
CA CYS A 221 -15.75 -22.17 27.72
C CYS A 221 -15.46 -23.44 26.93
N VAL A 222 -15.59 -24.58 27.61
CA VAL A 222 -15.31 -25.86 26.97
C VAL A 222 -16.35 -26.18 25.90
N THR A 223 -17.51 -25.53 25.95
CA THR A 223 -18.53 -25.75 24.92
C THR A 223 -18.06 -25.22 23.57
N GLY A 224 -17.53 -24.00 23.56
CA GLY A 224 -17.05 -23.37 22.34
C GLY A 224 -18.04 -22.39 21.76
N GLY A 225 -18.01 -22.24 20.43
CA GLY A 225 -18.85 -21.28 19.73
C GLY A 225 -19.00 -19.92 20.36
N GLU A 226 -17.95 -19.41 21.00
CA GLU A 226 -17.94 -18.08 21.57
C GLU A 226 -17.14 -17.14 20.68
N GLU A 227 -17.65 -15.93 20.48
CA GLU A 227 -17.06 -14.97 19.56
C GLU A 227 -15.82 -14.34 20.19
N ILE A 228 -14.71 -14.36 19.45
CA ILE A 228 -13.45 -13.78 19.90
C ILE A 228 -12.85 -12.99 18.74
N TYR A 229 -12.25 -11.84 19.07
CA TYR A 229 -11.61 -10.97 18.10
C TYR A 229 -10.10 -11.12 18.25
N LEU A 230 -9.41 -11.40 17.14
CA LEU A 230 -7.97 -11.62 17.13
C LEU A 230 -7.33 -10.59 16.21
N LEU A 231 -6.56 -9.67 16.80
CA LEU A 231 -5.79 -8.71 16.03
C LEU A 231 -4.43 -9.32 15.73
N CYS A 232 -4.07 -9.35 14.44
CA CYS A 232 -2.88 -10.05 13.97
C CYS A 232 -2.17 -9.19 12.93
N ASP A 233 -1.05 -9.70 12.44
CA ASP A 233 -0.33 -9.07 11.34
C ASP A 233 -1.06 -9.36 10.03
N LYS A 234 -0.44 -8.97 8.92
CA LYS A 234 -1.07 -9.10 7.61
C LYS A 234 -1.23 -10.58 7.25
N VAL A 235 -2.48 -11.01 7.07
CA VAL A 235 -2.79 -12.38 6.68
C VAL A 235 -3.78 -12.34 5.52
N GLN A 236 -3.82 -13.44 4.76
CA GLN A 236 -4.69 -13.57 3.61
C GLN A 236 -5.95 -14.34 4.01
N LYS A 237 -7.11 -13.75 3.77
CA LYS A 237 -8.37 -14.32 4.25
C LYS A 237 -8.63 -15.70 3.67
N ASP A 238 -8.19 -15.95 2.44
CA ASP A 238 -8.36 -17.26 1.81
C ASP A 238 -7.27 -18.25 2.18
N ASP A 239 -6.25 -17.83 2.94
CA ASP A 239 -5.11 -18.67 3.26
C ASP A 239 -4.67 -18.47 4.70
N ILE A 240 -5.63 -18.41 5.62
CA ILE A 240 -5.34 -18.21 7.04
C ILE A 240 -6.20 -19.18 7.84
N GLN A 241 -5.67 -19.64 8.98
CA GLN A 241 -6.39 -20.54 9.84
C GLN A 241 -6.01 -20.28 11.28
N ILE A 242 -6.97 -20.41 12.19
CA ILE A 242 -6.75 -20.23 13.62
C ILE A 242 -6.82 -21.61 14.26
N ARG A 243 -5.68 -22.11 14.75
CA ARG A 243 -5.56 -23.48 15.22
C ARG A 243 -5.30 -23.48 16.73
N PHE A 244 -6.23 -24.07 17.48
CA PHE A 244 -6.03 -24.42 18.87
C PHE A 244 -5.47 -25.84 18.92
N TYR A 245 -4.44 -26.04 19.73
CA TYR A 245 -3.79 -27.34 19.81
C TYR A 245 -3.24 -27.55 21.21
N GLU A 246 -3.18 -28.82 21.60
CA GLU A 246 -2.59 -29.18 22.88
C GLU A 246 -1.88 -30.52 22.76
N GLU A 247 -0.68 -30.59 23.33
CA GLU A 247 0.09 -31.83 23.34
C GLU A 247 -0.45 -32.74 24.44
N GLU A 248 -0.74 -33.98 24.08
CA GLU A 248 -1.38 -34.92 24.99
C GLU A 248 -0.70 -36.28 24.86
N GLU A 249 -0.94 -37.15 25.84
CA GLU A 249 -0.40 -38.51 25.88
C GLU A 249 1.12 -38.55 25.75
N ASN A 250 1.76 -37.38 25.69
CA ASN A 250 3.21 -37.24 25.55
C ASN A 250 3.66 -37.83 24.21
N GLY A 251 3.20 -37.18 23.15
CA GLY A 251 3.36 -37.69 21.80
C GLY A 251 2.16 -37.41 20.92
N GLY A 252 0.96 -37.61 21.45
CA GLY A 252 -0.24 -37.28 20.71
C GLY A 252 -0.54 -35.79 20.73
N VAL A 253 -1.35 -35.37 19.75
CA VAL A 253 -1.74 -33.98 19.58
C VAL A 253 -3.25 -33.88 19.45
N TRP A 254 -3.81 -32.79 19.98
CA TRP A 254 -5.21 -32.43 19.79
C TRP A 254 -5.30 -31.12 19.03
N GLU A 255 -5.93 -31.16 17.86
CA GLU A 255 -6.21 -29.99 17.04
C GLU A 255 -7.65 -29.52 17.21
N GLY A 256 -7.91 -28.30 16.73
CA GLY A 256 -9.25 -27.74 16.73
C GLY A 256 -9.26 -26.34 16.18
N PHE A 257 -9.98 -26.10 15.10
CA PHE A 257 -9.88 -24.85 14.36
C PHE A 257 -11.09 -23.96 14.62
N GLY A 258 -10.85 -22.66 14.71
CA GLY A 258 -11.94 -21.71 14.87
C GLY A 258 -12.78 -21.62 13.60
N ASP A 259 -14.09 -21.55 13.78
CA ASP A 259 -15.04 -21.51 12.68
C ASP A 259 -15.26 -20.06 12.26
N PHE A 260 -14.55 -19.62 11.23
CA PHE A 260 -14.70 -18.27 10.70
C PHE A 260 -14.67 -18.32 9.19
N SER A 261 -15.31 -17.33 8.57
CA SER A 261 -15.39 -17.14 7.13
C SER A 261 -14.37 -16.10 6.67
N PRO A 262 -13.92 -16.18 5.42
CA PRO A 262 -13.00 -15.14 4.91
C PRO A 262 -13.57 -13.73 5.01
N THR A 263 -14.90 -13.58 5.02
CA THR A 263 -15.49 -12.26 5.21
C THR A 263 -15.25 -11.75 6.63
N ASP A 264 -15.10 -12.66 7.59
CA ASP A 264 -14.83 -12.25 8.97
C ASP A 264 -13.41 -11.73 9.15
N VAL A 265 -12.52 -12.01 8.20
CA VAL A 265 -11.16 -11.49 8.24
C VAL A 265 -11.22 -10.03 7.80
N HIS A 266 -11.09 -9.11 8.76
CA HIS A 266 -11.30 -7.70 8.51
C HIS A 266 -10.00 -7.07 7.99
N ARG A 267 -9.91 -6.93 6.67
CA ARG A 267 -8.84 -6.18 6.01
C ARG A 267 -7.46 -6.67 6.40
N GLN A 268 -7.28 -7.99 6.41
CA GLN A 268 -6.02 -8.70 6.55
C GLN A 268 -5.37 -8.57 7.93
N PHE A 269 -5.95 -7.80 8.86
CA PHE A 269 -5.31 -7.55 10.15
C PHE A 269 -6.13 -7.98 11.35
N ALA A 270 -7.36 -8.46 11.15
CA ALA A 270 -8.20 -8.87 12.27
C ALA A 270 -9.12 -9.99 11.83
N ILE A 271 -9.39 -10.91 12.75
CA ILE A 271 -10.27 -12.04 12.49
C ILE A 271 -11.24 -12.20 13.65
N VAL A 272 -12.53 -12.17 13.34
CA VAL A 272 -13.59 -12.47 14.32
C VAL A 272 -14.00 -13.91 14.10
N PHE A 273 -13.80 -14.77 15.11
CA PHE A 273 -14.02 -16.19 14.94
C PHE A 273 -14.72 -16.73 16.18
N LYS A 274 -14.96 -18.04 16.17
CA LYS A 274 -15.64 -18.73 17.27
C LYS A 274 -14.79 -19.91 17.71
N THR A 275 -14.70 -20.11 19.03
CA THR A 275 -13.85 -21.17 19.55
C THR A 275 -14.45 -22.54 19.25
N PRO A 276 -13.63 -23.53 18.94
CA PRO A 276 -14.13 -24.87 18.66
C PRO A 276 -14.42 -25.63 19.95
N LYS A 277 -14.95 -26.83 19.79
CA LYS A 277 -15.26 -27.69 20.92
C LYS A 277 -14.01 -28.44 21.37
N TYR A 278 -13.84 -28.55 22.69
CA TYR A 278 -12.70 -29.24 23.26
C TYR A 278 -12.96 -30.74 23.28
N LYS A 279 -11.98 -31.50 23.76
CA LYS A 279 -12.09 -32.96 23.80
C LYS A 279 -13.11 -33.38 24.85
N ASP A 280 -12.80 -33.10 26.12
CA ASP A 280 -13.60 -33.52 27.26
C ASP A 280 -14.58 -32.40 27.61
N VAL A 281 -15.65 -32.31 26.82
CA VAL A 281 -16.72 -31.36 27.15
C VAL A 281 -17.19 -31.58 28.57
N ASN A 282 -17.15 -32.82 29.06
CA ASN A 282 -17.38 -33.11 30.46
C ASN A 282 -16.05 -33.01 31.22
N ILE A 283 -15.52 -31.80 31.27
CA ILE A 283 -14.26 -31.54 31.94
C ILE A 283 -14.54 -31.11 33.38
N THR A 284 -13.54 -31.24 34.24
CA THR A 284 -13.65 -30.87 35.64
C THR A 284 -12.73 -29.72 36.03
N LYS A 285 -11.53 -29.67 35.45
CA LYS A 285 -10.57 -28.63 35.72
C LYS A 285 -10.24 -27.88 34.43
N PRO A 286 -9.99 -26.58 34.52
CA PRO A 286 -9.67 -25.81 33.31
C PRO A 286 -8.39 -26.30 32.65
N ALA A 287 -8.49 -26.66 31.37
CA ALA A 287 -7.37 -27.19 30.61
C ALA A 287 -6.69 -26.09 29.81
N SER A 288 -5.38 -26.24 29.61
CA SER A 288 -4.57 -25.25 28.92
C SER A 288 -4.21 -25.73 27.52
N VAL A 289 -4.45 -24.88 26.53
CA VAL A 289 -4.14 -25.16 25.13
C VAL A 289 -3.43 -23.94 24.56
N PHE A 290 -2.70 -24.15 23.46
CA PHE A 290 -2.06 -23.05 22.77
C PHE A 290 -2.80 -22.74 21.49
N VAL A 291 -2.67 -21.51 21.02
CA VAL A 291 -3.36 -21.06 19.81
C VAL A 291 -2.32 -20.46 18.87
N GLN A 292 -2.50 -20.70 17.57
CA GLN A 292 -1.59 -20.16 16.57
C GLN A 292 -2.35 -19.82 15.30
N LEU A 293 -1.67 -19.10 14.42
CA LEU A 293 -2.15 -18.79 13.07
C LEU A 293 -1.35 -19.60 12.07
N ARG A 294 -2.03 -20.49 11.35
CA ARG A 294 -1.40 -21.38 10.39
C ARG A 294 -1.85 -21.04 8.99
N ARG A 295 -0.89 -20.92 8.08
CA ARG A 295 -1.20 -20.69 6.66
C ARG A 295 -1.65 -22.00 6.03
N LYS A 296 -2.79 -21.98 5.35
CA LYS A 296 -3.32 -23.22 4.79
C LYS A 296 -2.41 -23.76 3.68
N SER A 297 -1.80 -22.87 2.90
CA SER A 297 -0.93 -23.30 1.81
C SER A 297 0.44 -23.73 2.31
N ASP A 298 1.03 -22.95 3.22
CA ASP A 298 2.41 -23.18 3.66
C ASP A 298 2.49 -24.01 4.93
N LEU A 299 1.40 -24.14 5.67
CA LEU A 299 1.37 -24.83 6.97
C LEU A 299 2.42 -24.24 7.92
N GLU A 300 2.59 -22.92 7.87
CA GLU A 300 3.56 -22.25 8.72
C GLU A 300 2.90 -21.87 10.04
N THR A 301 3.61 -22.12 11.13
CA THR A 301 3.09 -21.90 12.47
C THR A 301 3.37 -20.48 12.93
N SER A 302 2.38 -19.88 13.59
CA SER A 302 2.59 -18.61 14.27
C SER A 302 3.03 -18.88 15.70
N GLU A 303 3.63 -17.88 16.31
CA GLU A 303 4.07 -18.01 17.70
C GLU A 303 2.84 -18.26 18.58
N PRO A 304 2.77 -19.37 19.29
CA PRO A 304 1.54 -19.71 20.02
C PRO A 304 1.30 -18.78 21.20
N LYS A 305 0.03 -18.67 21.58
CA LYS A 305 -0.44 -17.89 22.70
C LYS A 305 -1.26 -18.78 23.64
N PRO A 306 -1.21 -18.53 24.94
CA PRO A 306 -1.94 -19.39 25.88
C PRO A 306 -3.44 -19.16 25.79
N PHE A 307 -4.19 -20.23 26.06
CA PHE A 307 -5.64 -20.20 26.08
C PHE A 307 -6.11 -21.27 27.04
N LEU A 308 -7.33 -21.11 27.54
CA LEU A 308 -7.84 -22.01 28.55
C LEU A 308 -9.29 -22.37 28.27
N TYR A 309 -9.65 -23.61 28.60
CA TYR A 309 -11.02 -24.10 28.53
C TYR A 309 -11.52 -24.35 29.93
N TYR A 310 -12.67 -23.76 30.26
CA TYR A 310 -13.35 -23.89 31.54
C TYR A 310 -14.63 -24.69 31.40
N PRO A 311 -15.01 -25.45 32.42
CA PRO A 311 -16.29 -26.18 32.36
C PRO A 311 -17.48 -25.25 32.50
N GLU A 312 -18.69 -25.80 32.47
CA GLU A 312 -19.90 -24.99 32.60
C GLU A 312 -20.63 -25.32 33.89
N GLY B 1 -27.84 40.76 -14.77
CA GLY B 1 -27.58 40.00 -15.98
C GLY B 1 -27.65 38.50 -15.78
N PRO B 2 -27.31 37.74 -16.81
CA PRO B 2 -27.39 36.28 -16.70
C PRO B 2 -26.27 35.74 -15.82
N TYR B 3 -26.55 34.61 -15.18
CA TYR B 3 -25.58 33.95 -14.33
C TYR B 3 -25.76 32.45 -14.46
N LEU B 4 -24.94 31.70 -13.73
CA LEU B 4 -24.98 30.24 -13.73
C LEU B 4 -25.21 29.77 -12.30
N GLN B 5 -26.24 28.95 -12.11
CA GLN B 5 -26.63 28.45 -10.80
C GLN B 5 -26.47 26.94 -10.75
N ILE B 6 -25.75 26.46 -9.73
CA ILE B 6 -25.56 25.02 -9.54
C ILE B 6 -26.81 24.46 -8.88
N LEU B 7 -27.58 23.68 -9.63
CA LEU B 7 -28.77 23.06 -9.07
C LEU B 7 -28.42 21.98 -8.06
N GLU B 8 -27.53 21.06 -8.44
CA GLU B 8 -27.07 20.01 -7.54
C GLU B 8 -25.56 19.87 -7.67
N GLN B 9 -24.86 20.03 -6.55
CA GLN B 9 -23.43 19.87 -6.47
C GLN B 9 -23.05 18.39 -6.41
N PRO B 10 -21.80 18.06 -6.73
CA PRO B 10 -21.35 16.67 -6.58
C PRO B 10 -21.19 16.27 -5.13
N LYS B 11 -21.21 14.95 -4.91
CA LYS B 11 -21.00 14.40 -3.57
C LYS B 11 -19.56 14.66 -3.14
N GLN B 12 -19.39 15.30 -1.99
CA GLN B 12 -18.05 15.71 -1.56
C GLN B 12 -17.16 14.51 -1.25
N ARG B 13 -17.71 13.47 -0.63
CA ARG B 13 -16.93 12.31 -0.25
C ARG B 13 -17.69 11.04 -0.61
N GLY B 14 -16.92 9.98 -0.87
CA GLY B 14 -17.45 8.69 -1.29
C GLY B 14 -16.91 8.24 -2.63
N PHE B 15 -16.52 9.18 -3.48
CA PHE B 15 -15.98 8.87 -4.79
C PHE B 15 -14.47 8.65 -4.70
N ARG B 16 -13.99 7.67 -5.45
CA ARG B 16 -12.58 7.28 -5.45
C ARG B 16 -11.92 7.75 -6.74
N PHE B 17 -10.87 8.56 -6.61
CA PHE B 17 -10.11 8.97 -7.77
C PHE B 17 -9.37 7.76 -8.34
N ARG B 18 -9.23 7.75 -9.67
CA ARG B 18 -8.63 6.61 -10.36
C ARG B 18 -7.50 7.08 -11.26
N TYR B 19 -6.42 6.31 -11.29
CA TYR B 19 -5.29 6.61 -12.15
C TYR B 19 -5.57 6.08 -13.56
N VAL B 20 -4.62 6.32 -14.47
CA VAL B 20 -4.74 5.79 -15.82
C VAL B 20 -4.65 4.27 -15.80
N CYS B 21 -3.93 3.70 -14.84
CA CYS B 21 -3.75 2.26 -14.80
C CYS B 21 -5.02 1.55 -14.34
N GLU B 22 -5.78 2.16 -13.43
CA GLU B 22 -6.95 1.49 -12.86
C GLU B 22 -8.03 1.22 -13.89
N GLY B 23 -8.03 1.93 -15.02
CA GLY B 23 -8.99 1.71 -16.06
C GLY B 23 -9.97 2.86 -16.22
N PRO B 24 -11.01 2.65 -17.04
CA PRO B 24 -11.96 3.73 -17.31
C PRO B 24 -13.33 3.60 -16.65
N SER B 25 -13.83 2.36 -16.54
CA SER B 25 -15.19 2.12 -16.04
C SER B 25 -15.14 1.69 -14.58
N HIS B 26 -14.96 2.67 -13.69
CA HIS B 26 -14.98 2.43 -12.26
C HIS B 26 -16.03 3.24 -11.51
N GLY B 27 -16.83 4.05 -12.19
CA GLY B 27 -17.90 4.81 -11.57
C GLY B 27 -17.93 6.24 -12.08
N GLY B 28 -19.09 6.87 -11.91
CA GLY B 28 -19.28 8.26 -12.27
C GLY B 28 -19.47 9.11 -11.03
N LEU B 29 -19.01 10.35 -11.10
CA LEU B 29 -19.13 11.29 -9.98
C LEU B 29 -20.60 11.57 -9.69
N PRO B 30 -21.10 11.17 -8.52
CA PRO B 30 -22.52 11.35 -8.21
C PRO B 30 -22.81 12.72 -7.63
N GLY B 31 -24.07 13.12 -7.72
CA GLY B 31 -24.50 14.37 -7.15
C GLY B 31 -24.60 14.30 -5.63
N ALA B 32 -24.83 15.47 -5.03
CA ALA B 32 -24.93 15.55 -3.57
C ALA B 32 -26.18 14.87 -3.04
N SER B 33 -27.21 14.71 -3.87
CA SER B 33 -28.46 14.06 -3.46
C SER B 33 -28.63 12.70 -4.10
N SER B 34 -27.54 12.05 -4.49
CA SER B 34 -27.62 10.77 -5.17
C SER B 34 -27.74 9.62 -4.18
N GLU B 35 -28.46 8.59 -4.59
CA GLU B 35 -28.60 7.36 -3.82
C GLU B 35 -28.84 6.21 -4.79
N LYS B 36 -28.83 4.99 -4.25
CA LYS B 36 -29.12 3.82 -5.07
C LYS B 36 -30.50 3.96 -5.70
N ASN B 37 -30.60 3.58 -6.98
CA ASN B 37 -31.80 3.72 -7.81
C ASN B 37 -32.08 5.18 -8.12
N LYS B 38 -31.90 6.07 -7.15
CA LYS B 38 -32.03 7.52 -7.36
C LYS B 38 -30.69 8.10 -7.82
N LYS B 39 -30.21 7.59 -8.95
CA LYS B 39 -28.89 7.95 -9.46
C LYS B 39 -28.94 9.38 -9.98
N SER B 40 -28.31 10.30 -9.24
CA SER B 40 -28.25 11.70 -9.64
C SER B 40 -26.81 12.06 -10.01
N TYR B 41 -26.68 13.23 -10.62
CA TYR B 41 -25.39 13.72 -11.12
C TYR B 41 -25.36 15.23 -10.93
N PRO B 42 -24.16 15.82 -10.92
CA PRO B 42 -24.06 17.28 -10.76
C PRO B 42 -24.76 18.00 -11.90
N GLN B 43 -25.64 18.93 -11.55
CA GLN B 43 -26.42 19.66 -12.54
C GLN B 43 -26.40 21.16 -12.25
N VAL B 44 -26.34 21.95 -13.32
CA VAL B 44 -26.33 23.40 -13.26
C VAL B 44 -27.45 23.94 -14.15
N LYS B 45 -27.70 25.23 -14.00
CA LYS B 45 -28.79 25.91 -14.68
C LYS B 45 -28.38 27.32 -15.03
N ILE B 46 -28.55 27.71 -16.29
CA ILE B 46 -28.29 29.07 -16.73
C ILE B 46 -29.55 29.89 -16.50
N CYS B 47 -29.48 30.84 -15.58
CA CYS B 47 -30.65 31.62 -15.19
C CYS B 47 -30.57 33.02 -15.78
N ASN B 48 -31.74 33.65 -15.89
CA ASN B 48 -31.90 35.01 -16.41
C ASN B 48 -31.48 35.11 -17.88
N TYR B 49 -31.40 33.98 -18.58
CA TYR B 49 -31.12 33.97 -20.01
C TYR B 49 -31.74 32.73 -20.63
N VAL B 50 -32.56 32.93 -21.66
CA VAL B 50 -33.18 31.84 -22.40
C VAL B 50 -32.54 31.78 -23.79
N GLY B 51 -32.15 30.59 -24.21
CA GLY B 51 -31.55 30.40 -25.51
C GLY B 51 -30.38 29.43 -25.48
N PRO B 52 -29.85 29.10 -26.66
CA PRO B 52 -28.70 28.19 -26.71
C PRO B 52 -27.46 28.85 -26.13
N ALA B 53 -26.66 28.04 -25.42
CA ALA B 53 -25.43 28.53 -24.81
C ALA B 53 -24.46 27.35 -24.68
N LYS B 54 -23.34 27.59 -24.01
CA LYS B 54 -22.33 26.56 -23.79
C LYS B 54 -21.95 26.54 -22.32
N VAL B 55 -21.63 25.36 -21.82
CA VAL B 55 -21.18 25.19 -20.43
C VAL B 55 -19.92 24.33 -20.45
N ILE B 56 -18.84 24.84 -19.85
CA ILE B 56 -17.61 24.08 -19.71
C ILE B 56 -17.37 23.83 -18.22
N VAL B 57 -16.74 22.71 -17.93
CA VAL B 57 -16.40 22.31 -16.58
C VAL B 57 -14.91 21.96 -16.55
N GLN B 58 -14.20 22.50 -15.57
CA GLN B 58 -12.78 22.22 -15.42
C GLN B 58 -12.45 21.98 -13.95
N LEU B 59 -11.41 21.18 -13.72
CA LEU B 59 -10.98 20.89 -12.36
C LEU B 59 -10.07 21.99 -11.85
N VAL B 60 -10.37 22.49 -10.65
CA VAL B 60 -9.57 23.53 -10.02
C VAL B 60 -9.17 23.04 -8.63
N THR B 61 -8.19 23.74 -8.06
CA THR B 61 -7.65 23.33 -6.77
C THR B 61 -8.49 23.87 -5.62
N ASN B 62 -8.33 23.23 -4.46
CA ASN B 62 -8.97 23.66 -3.23
C ASN B 62 -7.93 24.45 -2.42
N GLY B 63 -8.24 25.70 -2.10
CA GLY B 63 -7.30 26.54 -1.41
C GLY B 63 -7.59 28.00 -1.67
N LYS B 64 -6.68 28.85 -1.17
CA LYS B 64 -6.84 30.29 -1.35
C LYS B 64 -6.83 30.66 -2.83
N ASN B 65 -5.87 30.13 -3.57
CA ASN B 65 -5.67 30.46 -4.98
C ASN B 65 -6.35 29.42 -5.85
N ILE B 66 -7.42 29.83 -6.53
CA ILE B 66 -8.07 28.93 -7.49
C ILE B 66 -7.15 28.79 -8.69
N HIS B 67 -6.80 27.55 -9.02
CA HIS B 67 -5.88 27.28 -10.12
C HIS B 67 -6.24 25.95 -10.76
N LEU B 68 -5.70 25.73 -11.95
CA LEU B 68 -5.94 24.46 -12.63
C LEU B 68 -5.35 23.31 -11.82
N HIS B 69 -5.98 22.15 -11.92
CA HIS B 69 -5.57 20.96 -11.18
C HIS B 69 -5.02 19.93 -12.14
N ALA B 70 -3.94 19.25 -11.73
CA ALA B 70 -3.33 18.24 -12.57
C ALA B 70 -4.25 17.06 -12.80
N HIS B 71 -5.18 16.81 -11.88
CA HIS B 71 -6.21 15.81 -12.12
C HIS B 71 -7.12 16.25 -13.25
N SER B 72 -7.64 15.26 -13.98
CA SER B 72 -8.49 15.53 -15.14
C SER B 72 -9.89 14.97 -14.92
N LEU B 73 -10.81 15.43 -15.74
CA LEU B 73 -12.16 14.90 -15.80
C LEU B 73 -12.29 14.06 -17.06
N VAL B 74 -12.59 12.77 -16.88
CA VAL B 74 -12.69 11.82 -17.99
C VAL B 74 -14.16 11.53 -18.24
N GLY B 75 -14.48 11.26 -19.49
CA GLY B 75 -15.85 11.03 -19.90
C GLY B 75 -16.03 11.34 -21.37
N LYS B 76 -17.28 11.27 -21.80
CA LYS B 76 -17.63 11.53 -23.19
C LYS B 76 -17.36 12.97 -23.61
N HIS B 77 -18.09 13.92 -23.03
CA HIS B 77 -17.94 15.34 -23.40
C HIS B 77 -16.63 15.94 -22.93
N CYS B 78 -15.76 15.19 -22.25
CA CYS B 78 -14.54 15.73 -21.69
C CYS B 78 -13.35 15.38 -22.59
N GLU B 79 -12.61 16.41 -23.01
CA GLU B 79 -11.41 16.25 -23.80
C GLU B 79 -10.31 17.08 -23.19
N ASP B 80 -9.19 16.45 -22.87
CA ASP B 80 -8.01 17.13 -22.32
C ASP B 80 -8.32 17.83 -20.99
N GLY B 81 -9.27 17.29 -20.22
CA GLY B 81 -9.55 17.77 -18.89
C GLY B 81 -10.70 18.75 -18.77
N VAL B 82 -11.21 19.26 -19.88
CA VAL B 82 -12.33 20.20 -19.87
C VAL B 82 -13.53 19.53 -20.52
N CYS B 83 -14.68 19.61 -19.85
CA CYS B 83 -15.91 18.99 -20.32
C CYS B 83 -16.80 20.10 -20.88
N THR B 84 -17.02 20.10 -22.19
CA THR B 84 -17.81 21.12 -22.86
C THR B 84 -19.11 20.50 -23.37
N VAL B 85 -20.23 21.15 -23.07
CA VAL B 85 -21.53 20.67 -23.51
C VAL B 85 -22.44 21.85 -23.82
N THR B 86 -23.23 21.71 -24.89
CA THR B 86 -24.18 22.75 -25.28
C THR B 86 -25.44 22.63 -24.43
N ALA B 87 -25.89 23.77 -23.89
CA ALA B 87 -27.09 23.78 -23.08
C ALA B 87 -28.37 23.55 -23.87
N GLY B 88 -28.29 23.45 -25.20
CA GLY B 88 -29.44 23.20 -26.02
C GLY B 88 -30.34 24.41 -26.14
N PRO B 89 -31.08 24.49 -27.25
CA PRO B 89 -32.00 25.62 -27.44
C PRO B 89 -33.20 25.56 -26.50
N LYS B 90 -33.28 26.52 -25.58
CA LYS B 90 -34.38 26.68 -24.62
C LYS B 90 -34.40 25.62 -23.53
N ASP B 91 -33.41 24.74 -23.46
CA ASP B 91 -33.37 23.75 -22.39
C ASP B 91 -32.82 24.37 -21.09
N MET B 92 -31.65 24.99 -21.17
CA MET B 92 -31.03 25.74 -20.07
C MET B 92 -30.69 24.89 -18.85
N VAL B 93 -30.94 23.58 -18.90
CA VAL B 93 -30.56 22.66 -17.83
C VAL B 93 -29.36 21.87 -18.33
N VAL B 94 -28.39 21.64 -17.44
CA VAL B 94 -27.19 20.92 -17.82
C VAL B 94 -26.87 19.89 -16.76
N GLY B 95 -26.75 18.62 -17.16
CA GLY B 95 -26.34 17.56 -16.26
C GLY B 95 -24.98 17.03 -16.66
N PHE B 96 -24.26 16.47 -15.69
CA PHE B 96 -22.91 15.94 -15.93
C PHE B 96 -22.84 14.54 -15.34
N ALA B 97 -23.05 13.54 -16.18
CA ALA B 97 -23.00 12.14 -15.78
C ALA B 97 -21.75 11.47 -16.35
N ASN B 98 -21.41 10.32 -15.78
CA ASN B 98 -20.28 9.51 -16.22
C ASN B 98 -18.98 10.32 -16.17
N LEU B 99 -18.80 11.08 -15.09
CA LEU B 99 -17.61 11.90 -14.89
C LEU B 99 -16.68 11.19 -13.90
N GLY B 100 -15.53 10.75 -14.37
CA GLY B 100 -14.49 10.24 -13.52
C GLY B 100 -13.42 11.27 -13.28
N ILE B 101 -12.70 11.10 -12.17
CA ILE B 101 -11.65 12.03 -11.78
C ILE B 101 -10.33 11.28 -11.91
N LEU B 102 -9.58 11.59 -12.96
CA LEU B 102 -8.32 10.91 -13.24
C LEU B 102 -7.25 11.40 -12.28
N HIS B 103 -6.81 10.50 -11.39
CA HIS B 103 -5.74 10.83 -10.45
C HIS B 103 -4.41 10.69 -11.16
N VAL B 104 -3.61 11.74 -11.15
CA VAL B 104 -2.31 11.74 -11.81
C VAL B 104 -1.24 11.39 -10.79
N THR B 105 -0.14 10.84 -11.28
CA THR B 105 0.97 10.52 -10.40
C THR B 105 1.69 11.80 -9.98
N LYS B 106 2.35 11.74 -8.82
CA LYS B 106 3.07 12.90 -8.32
C LYS B 106 4.18 13.32 -9.28
N LYS B 107 4.84 12.35 -9.91
CA LYS B 107 5.94 12.67 -10.82
C LYS B 107 5.45 13.40 -12.06
N LYS B 108 4.28 13.02 -12.58
CA LYS B 108 3.75 13.61 -13.81
C LYS B 108 2.82 14.79 -13.58
N VAL B 109 2.85 15.39 -12.38
CA VAL B 109 1.98 16.53 -12.12
C VAL B 109 2.39 17.72 -12.97
N PHE B 110 3.63 18.17 -12.82
CA PHE B 110 4.11 19.36 -13.53
C PHE B 110 3.88 19.23 -15.02
N GLU B 111 4.34 18.13 -15.61
CA GLU B 111 4.16 17.91 -17.05
C GLU B 111 2.71 18.11 -17.45
N THR B 112 1.80 17.50 -16.68
CA THR B 112 0.38 17.66 -17.00
C THR B 112 -0.08 19.08 -16.76
N LEU B 113 0.31 19.66 -15.61
CA LEU B 113 -0.20 20.99 -15.25
C LEU B 113 0.15 22.02 -16.31
N GLU B 114 1.43 22.13 -16.66
CA GLU B 114 1.82 23.06 -17.70
C GLU B 114 1.09 22.76 -19.00
N ALA B 115 0.95 21.47 -19.32
CA ALA B 115 0.26 21.09 -20.55
C ALA B 115 -1.16 21.61 -20.55
N ARG B 116 -1.82 21.56 -19.39
CA ARG B 116 -3.18 22.07 -19.30
C ARG B 116 -3.23 23.57 -19.09
N MET B 117 -2.14 24.18 -18.61
CA MET B 117 -2.12 25.64 -18.52
C MET B 117 -2.06 26.27 -19.90
N THR B 118 -1.12 25.81 -20.74
CA THR B 118 -1.03 26.29 -22.12
C THR B 118 -2.38 26.22 -22.81
N GLU B 119 -3.06 25.08 -22.69
CA GLU B 119 -4.38 24.93 -23.28
C GLU B 119 -5.33 26.01 -22.76
N ALA B 120 -5.36 26.20 -21.44
CA ALA B 120 -6.25 27.20 -20.87
C ALA B 120 -5.94 28.59 -21.40
N CYS B 121 -4.69 28.82 -21.82
CA CYS B 121 -4.34 30.11 -22.41
C CYS B 121 -4.68 30.15 -23.90
N ILE B 122 -4.52 29.03 -24.60
CA ILE B 122 -4.83 29.00 -26.02
C ILE B 122 -6.34 29.04 -26.25
N ARG B 123 -7.11 28.44 -25.35
CA ARG B 123 -8.56 28.43 -25.47
C ARG B 123 -9.23 29.60 -24.77
N GLY B 124 -8.48 30.37 -23.99
CA GLY B 124 -9.05 31.53 -23.31
C GLY B 124 -9.99 31.19 -22.18
N TYR B 125 -9.79 30.05 -21.52
CA TYR B 125 -10.66 29.61 -20.42
C TYR B 125 -10.12 30.17 -19.11
N ASN B 126 -10.52 31.40 -18.79
CA ASN B 126 -10.13 32.09 -17.57
C ASN B 126 -8.62 31.99 -17.31
N PRO B 127 -7.79 32.57 -18.18
CA PRO B 127 -6.34 32.41 -17.99
C PRO B 127 -5.82 33.17 -16.78
N GLY B 128 -6.34 34.38 -16.52
CA GLY B 128 -5.87 35.13 -15.37
C GLY B 128 -6.38 34.61 -14.05
N LEU B 129 -7.51 33.91 -14.05
CA LEU B 129 -8.07 33.36 -12.82
C LEU B 129 -7.44 32.03 -12.46
N LEU B 130 -7.00 31.25 -13.45
CA LEU B 130 -6.53 29.89 -13.23
C LEU B 130 -5.03 29.72 -13.40
N VAL B 131 -4.42 30.42 -14.36
CA VAL B 131 -2.98 30.29 -14.59
C VAL B 131 -2.22 31.35 -13.81
N HIS B 132 -2.27 32.59 -14.29
CA HIS B 132 -1.59 33.69 -13.63
C HIS B 132 -2.25 34.99 -14.06
N SER B 133 -2.31 35.96 -13.14
CA SER B 133 -2.99 37.21 -13.43
C SER B 133 -2.28 37.97 -14.55
N ASP B 134 -0.97 37.79 -14.69
CA ASP B 134 -0.22 38.43 -15.77
C ASP B 134 -0.78 38.06 -17.14
N LEU B 135 -1.45 36.92 -17.24
CA LEU B 135 -2.06 36.46 -18.48
C LEU B 135 -3.58 36.59 -18.41
N ALA B 136 -4.08 37.70 -17.88
CA ALA B 136 -5.51 37.94 -17.80
C ALA B 136 -6.05 38.67 -19.03
N TYR B 137 -5.27 38.71 -20.12
CA TYR B 137 -5.64 39.41 -21.35
C TYR B 137 -5.97 38.47 -22.51
N LEU B 138 -6.03 37.16 -22.25
CA LEU B 138 -6.15 36.14 -23.30
C LEU B 138 -7.60 35.65 -23.41
N GLN B 139 -8.46 36.51 -23.93
CA GLN B 139 -9.88 36.17 -24.11
C GLN B 139 -10.35 36.38 -25.55
N ALA B 140 -11.20 35.46 -26.02
CA ALA B 140 -11.99 35.59 -27.24
C ALA B 140 -11.25 35.86 -28.55
N GLU B 141 -9.95 36.13 -28.52
CA GLU B 141 -9.22 36.39 -29.76
C GLU B 141 -9.26 35.17 -30.67
N GLY B 142 -8.92 34.00 -30.13
CA GLY B 142 -9.01 32.78 -30.92
C GLY B 142 -9.28 31.59 -30.05
N GLY B 143 -9.87 30.56 -30.65
CA GLY B 143 -10.18 29.33 -29.96
C GLY B 143 -9.27 28.21 -30.39
N GLY B 144 -7.99 28.53 -30.55
CA GLY B 144 -7.00 27.56 -30.98
C GLY B 144 -6.03 28.20 -31.95
N ASP B 145 -6.55 29.11 -32.78
CA ASP B 145 -5.72 29.79 -33.77
C ASP B 145 -4.67 30.67 -33.12
N ARG B 146 -4.96 31.22 -31.95
CA ARG B 146 -4.10 32.19 -31.28
C ARG B 146 -2.94 31.48 -30.58
N GLN B 147 -1.89 31.20 -31.35
CA GLN B 147 -0.67 30.65 -30.77
C GLN B 147 -0.09 31.61 -29.72
N LEU B 148 0.57 31.03 -28.72
CA LEU B 148 1.12 31.80 -27.61
C LEU B 148 2.54 32.24 -27.91
N THR B 149 2.98 33.26 -27.17
CA THR B 149 4.31 33.83 -27.34
C THR B 149 5.32 33.08 -26.47
N ASP B 150 6.53 33.66 -26.33
CA ASP B 150 7.57 33.06 -25.51
C ASP B 150 7.49 33.50 -24.05
N ARG B 151 7.24 34.79 -23.80
CA ARG B 151 7.07 35.25 -22.43
C ARG B 151 5.84 34.60 -21.79
N GLU B 152 4.79 34.38 -22.58
CA GLU B 152 3.62 33.69 -22.06
C GLU B 152 3.97 32.27 -21.64
N LYS B 153 4.81 31.59 -22.42
CA LYS B 153 5.24 30.25 -22.04
C LYS B 153 6.14 30.28 -20.81
N GLU B 154 6.97 31.31 -20.67
CA GLU B 154 7.76 31.45 -19.45
C GLU B 154 6.87 31.60 -18.23
N ILE B 155 5.83 32.43 -18.33
CA ILE B 155 4.90 32.62 -17.22
C ILE B 155 4.17 31.32 -16.92
N ILE B 156 3.78 30.58 -17.97
CA ILE B 156 3.10 29.32 -17.78
C ILE B 156 3.99 28.33 -17.03
N ARG B 157 5.26 28.23 -17.44
CA ARG B 157 6.17 27.30 -16.80
C ARG B 157 6.48 27.71 -15.36
N GLN B 158 6.56 29.02 -15.09
CA GLN B 158 6.78 29.48 -13.72
C GLN B 158 5.58 29.13 -12.84
N ALA B 159 4.37 29.40 -13.34
CA ALA B 159 3.18 29.03 -12.57
C ALA B 159 3.09 27.53 -12.36
N ALA B 160 3.54 26.75 -13.34
CA ALA B 160 3.49 25.30 -13.21
C ALA B 160 4.49 24.81 -12.17
N VAL B 161 5.72 25.35 -12.19
CA VAL B 161 6.70 24.90 -11.21
C VAL B 161 6.32 25.36 -9.80
N GLN B 162 5.63 26.50 -9.69
CA GLN B 162 5.26 26.98 -8.36
C GLN B 162 4.01 26.27 -7.82
N GLN B 163 3.11 25.85 -8.70
CA GLN B 163 1.86 25.23 -8.27
C GLN B 163 1.93 23.71 -8.27
N THR B 164 3.05 23.11 -8.69
CA THR B 164 3.16 21.66 -8.64
C THR B 164 3.39 21.18 -7.21
N LYS B 165 4.23 21.88 -6.46
CA LYS B 165 4.48 21.56 -5.05
C LYS B 165 3.44 22.17 -4.13
N GLU B 166 2.41 22.83 -4.68
CA GLU B 166 1.38 23.51 -3.91
C GLU B 166 0.00 22.93 -4.19
N MET B 167 -0.05 21.74 -4.79
CA MET B 167 -1.30 21.13 -5.23
C MET B 167 -1.64 19.95 -4.32
N ASP B 168 -2.88 19.91 -3.86
CA ASP B 168 -3.38 18.80 -3.06
C ASP B 168 -4.04 17.79 -4.01
N LEU B 169 -3.39 16.65 -4.20
CA LEU B 169 -3.89 15.63 -5.12
C LEU B 169 -5.10 14.88 -4.58
N SER B 170 -5.48 15.09 -3.32
CA SER B 170 -6.56 14.34 -2.71
C SER B 170 -7.90 15.09 -2.71
N VAL B 171 -7.91 16.36 -3.11
CA VAL B 171 -9.14 17.15 -3.12
C VAL B 171 -9.13 18.03 -4.37
N VAL B 172 -10.29 18.14 -5.02
CA VAL B 172 -10.45 18.94 -6.22
C VAL B 172 -11.75 19.75 -6.09
N ARG B 173 -11.99 20.60 -7.09
CA ARG B 173 -13.26 21.33 -7.19
C ARG B 173 -13.64 21.43 -8.65
N LEU B 174 -14.94 21.58 -8.89
CA LEU B 174 -15.47 21.78 -10.24
C LEU B 174 -15.74 23.26 -10.47
N MET B 175 -15.26 23.79 -11.59
CA MET B 175 -15.55 25.15 -12.00
C MET B 175 -16.37 25.10 -13.29
N PHE B 176 -17.59 25.63 -13.22
CA PHE B 176 -18.48 25.71 -14.37
C PHE B 176 -18.43 27.13 -14.93
N THR B 177 -18.12 27.25 -16.21
CA THR B 177 -18.08 28.53 -16.91
C THR B 177 -19.08 28.50 -18.05
N ALA B 178 -19.98 29.48 -18.06
CA ALA B 178 -20.99 29.59 -19.09
C ALA B 178 -20.54 30.56 -20.19
N PHE B 179 -20.94 30.27 -21.41
CA PHE B 179 -20.59 31.07 -22.58
C PHE B 179 -21.85 31.33 -23.40
N LEU B 180 -22.23 32.62 -23.51
CA LEU B 180 -23.36 33.09 -24.29
C LEU B 180 -22.90 33.52 -25.68
N PRO B 181 -23.75 33.35 -26.69
CA PRO B 181 -23.35 33.73 -28.05
C PRO B 181 -23.26 35.23 -28.20
N ASP B 182 -22.56 35.65 -29.26
CA ASP B 182 -22.37 37.04 -29.62
C ASP B 182 -23.15 37.33 -30.92
N SER B 183 -22.68 38.30 -31.70
CA SER B 183 -23.32 38.60 -32.97
C SER B 183 -23.15 37.45 -33.96
N THR B 184 -21.90 37.06 -34.23
CA THR B 184 -21.63 36.01 -35.20
C THR B 184 -22.18 34.65 -34.78
N GLY B 185 -22.60 34.50 -33.54
CA GLY B 185 -23.16 33.26 -33.05
C GLY B 185 -22.19 32.38 -32.29
N SER B 186 -20.89 32.65 -32.36
CA SER B 186 -19.92 31.85 -31.64
C SER B 186 -20.04 32.11 -30.14
N PHE B 187 -19.96 31.03 -29.35
CA PHE B 187 -20.06 31.14 -27.91
C PHE B 187 -18.74 31.68 -27.37
N THR B 188 -18.75 32.96 -26.98
CA THR B 188 -17.54 33.62 -26.51
C THR B 188 -17.77 34.55 -25.33
N ARG B 189 -18.97 35.05 -25.12
CA ARG B 189 -19.25 35.95 -24.00
C ARG B 189 -19.27 35.16 -22.71
N ARG B 190 -18.26 35.38 -21.86
CA ARG B 190 -18.08 34.60 -20.65
C ARG B 190 -18.88 35.19 -19.50
N LEU B 191 -19.68 34.34 -18.85
CA LEU B 191 -20.37 34.73 -17.63
C LEU B 191 -19.52 34.37 -16.41
N GLU B 192 -19.97 34.82 -15.26
CA GLU B 192 -19.23 34.60 -14.02
C GLU B 192 -19.14 33.10 -13.73
N PRO B 193 -17.94 32.53 -13.63
CA PRO B 193 -17.83 31.11 -13.28
C PRO B 193 -18.21 30.88 -11.83
N VAL B 194 -18.62 29.64 -11.55
CA VAL B 194 -19.05 29.23 -10.22
C VAL B 194 -18.25 28.01 -9.81
N VAL B 195 -17.71 28.03 -8.60
CA VAL B 195 -16.93 26.93 -8.07
C VAL B 195 -17.85 26.00 -7.30
N SER B 196 -17.60 24.70 -7.39
CA SER B 196 -18.42 23.70 -6.72
C SER B 196 -17.88 23.42 -5.33
N ASP B 197 -18.52 22.49 -4.62
CA ASP B 197 -18.02 22.04 -3.34
C ASP B 197 -16.73 21.24 -3.54
N ALA B 198 -15.97 21.12 -2.45
CA ALA B 198 -14.75 20.33 -2.49
C ALA B 198 -15.07 18.86 -2.62
N ILE B 199 -14.36 18.17 -3.50
CA ILE B 199 -14.50 16.73 -3.71
C ILE B 199 -13.25 16.07 -3.17
N TYR B 200 -13.43 15.24 -2.15
CA TYR B 200 -12.33 14.59 -1.45
C TYR B 200 -12.23 13.15 -1.90
N ASP B 201 -11.02 12.73 -2.27
CA ASP B 201 -10.80 11.36 -2.68
C ASP B 201 -11.05 10.42 -1.51
N SER B 202 -11.79 9.34 -1.77
CA SER B 202 -12.07 8.36 -0.71
C SER B 202 -10.86 7.51 -0.38
N LYS B 203 -9.90 7.38 -1.29
CA LYS B 203 -8.69 6.62 -1.03
C LYS B 203 -7.65 7.40 -0.24
N ALA B 204 -7.88 8.69 0.00
CA ALA B 204 -7.01 9.48 0.84
C ALA B 204 -7.29 9.15 2.31
N PRO B 205 -6.29 8.74 3.09
CA PRO B 205 -6.56 8.34 4.48
C PRO B 205 -7.06 9.47 5.36
N ASN B 206 -6.83 10.72 4.98
CA ASN B 206 -7.30 11.87 5.75
C ASN B 206 -8.67 12.34 5.31
N ALA B 207 -9.28 11.69 4.31
CA ALA B 207 -10.60 12.06 3.83
C ALA B 207 -11.43 10.85 3.43
N SER B 208 -11.12 9.67 3.98
CA SER B 208 -11.82 8.45 3.63
C SER B 208 -13.17 8.39 4.36
N ASN B 209 -13.83 7.25 4.27
CA ASN B 209 -15.13 7.05 4.90
C ASN B 209 -14.96 6.48 6.30
N LEU B 210 -15.55 7.14 7.29
CA LEU B 210 -15.49 6.69 8.67
C LEU B 210 -16.64 5.73 8.92
N LYS B 211 -16.31 4.46 9.16
CA LYS B 211 -17.31 3.42 9.33
C LYS B 211 -16.92 2.51 10.49
N ILE B 212 -17.87 2.25 11.38
CA ILE B 212 -17.67 1.30 12.47
C ILE B 212 -18.08 -0.07 11.96
N VAL B 213 -17.08 -0.88 11.59
CA VAL B 213 -17.35 -2.18 10.99
C VAL B 213 -17.86 -3.16 12.03
N ARG B 214 -17.22 -3.20 13.20
CA ARG B 214 -17.52 -4.24 14.17
C ARG B 214 -17.12 -3.76 15.57
N MET B 215 -17.80 -4.30 16.58
CA MET B 215 -17.48 -4.03 17.97
C MET B 215 -17.46 -5.32 18.77
N ASP B 216 -16.51 -5.43 19.70
CA ASP B 216 -16.40 -6.62 20.53
C ASP B 216 -17.54 -6.69 21.53
N ARG B 217 -17.77 -5.61 22.26
CA ARG B 217 -18.85 -5.51 23.23
C ARG B 217 -19.77 -4.38 22.81
N THR B 218 -21.02 -4.71 22.49
CA THR B 218 -21.98 -3.72 22.00
C THR B 218 -22.78 -3.10 23.14
N ALA B 219 -22.58 -3.55 24.37
CA ALA B 219 -23.26 -2.98 25.52
C ALA B 219 -22.33 -3.06 26.72
N GLY B 220 -21.96 -1.91 27.27
CA GLY B 220 -21.07 -1.85 28.42
C GLY B 220 -21.75 -1.25 29.63
N CYS B 221 -20.98 -1.20 30.72
CA CYS B 221 -21.49 -0.67 31.98
C CYS B 221 -21.16 0.80 32.14
N VAL B 222 -21.99 1.49 32.92
CA VAL B 222 -21.80 2.90 33.22
C VAL B 222 -20.64 3.14 34.17
N THR B 223 -20.10 2.08 34.78
CA THR B 223 -19.05 2.23 35.77
C THR B 223 -17.82 2.92 35.21
N GLY B 224 -17.35 2.51 34.04
CA GLY B 224 -16.18 3.19 33.50
C GLY B 224 -15.44 2.33 32.47
N GLY B 225 -14.13 2.52 32.44
CA GLY B 225 -13.25 1.91 31.47
C GLY B 225 -13.31 0.40 31.31
N GLU B 226 -14.20 -0.07 30.43
CA GLU B 226 -14.24 -1.47 30.06
C GLU B 226 -13.62 -1.63 28.68
N GLU B 227 -12.76 -2.64 28.52
CA GLU B 227 -12.01 -2.78 27.29
C GLU B 227 -12.86 -3.43 26.20
N ILE B 228 -12.93 -2.76 25.05
CA ILE B 228 -13.64 -3.27 23.89
C ILE B 228 -12.80 -3.02 22.64
N TYR B 229 -12.92 -3.95 21.68
CA TYR B 229 -12.20 -3.89 20.42
C TYR B 229 -13.15 -3.42 19.33
N LEU B 230 -12.74 -2.40 18.58
CA LEU B 230 -13.54 -1.80 17.52
C LEU B 230 -12.80 -1.97 16.20
N LEU B 231 -13.38 -2.77 15.32
CA LEU B 231 -12.86 -2.94 13.97
C LEU B 231 -13.49 -1.88 13.06
N CYS B 232 -12.65 -1.14 12.34
CA CYS B 232 -13.10 -0.01 11.57
C CYS B 232 -12.41 -0.01 10.21
N ASP B 233 -12.77 0.98 9.39
CA ASP B 233 -12.10 1.20 8.11
C ASP B 233 -10.78 1.90 8.36
N LYS B 234 -10.10 2.32 7.29
CA LYS B 234 -8.79 2.94 7.43
C LYS B 234 -8.91 4.28 8.13
N VAL B 235 -8.26 4.39 9.29
CA VAL B 235 -8.20 5.63 10.06
C VAL B 235 -6.76 5.88 10.45
N GLN B 236 -6.45 7.14 10.74
CA GLN B 236 -5.11 7.56 11.12
C GLN B 236 -5.03 7.65 12.64
N LYS B 237 -4.07 6.92 13.23
CA LYS B 237 -4.00 6.82 14.68
C LYS B 237 -3.76 8.17 15.35
N ASP B 238 -3.06 9.08 14.68
CA ASP B 238 -2.80 10.40 15.25
C ASP B 238 -3.94 11.37 15.00
N ASP B 239 -4.97 10.98 14.24
CA ASP B 239 -6.05 11.88 13.87
C ASP B 239 -7.39 11.15 13.90
N ILE B 240 -7.62 10.37 14.94
CA ILE B 240 -8.86 9.60 15.09
C ILE B 240 -9.37 9.76 16.51
N GLN B 241 -10.70 9.70 16.65
CA GLN B 241 -11.34 9.79 17.95
C GLN B 241 -12.60 8.93 17.94
N ILE B 242 -12.88 8.29 19.07
CA ILE B 242 -14.06 7.46 19.26
C ILE B 242 -15.00 8.23 20.17
N ARG B 243 -16.15 8.65 19.65
CA ARG B 243 -17.04 9.56 20.36
C ARG B 243 -18.32 8.84 20.76
N PHE B 244 -18.57 8.77 22.07
CA PHE B 244 -19.86 8.37 22.59
C PHE B 244 -20.71 9.62 22.77
N TYR B 245 -21.96 9.56 22.32
CA TYR B 245 -22.82 10.73 22.35
C TYR B 245 -24.27 10.29 22.53
N GLU B 246 -25.05 11.17 23.16
CA GLU B 246 -26.49 10.96 23.30
C GLU B 246 -27.20 12.30 23.27
N GLU B 247 -28.19 12.43 22.40
CA GLU B 247 -29.03 13.63 22.35
C GLU B 247 -30.14 13.51 23.37
N GLU B 248 -30.32 14.56 24.18
CA GLU B 248 -31.25 14.56 25.30
C GLU B 248 -32.00 15.88 25.32
N GLU B 249 -33.07 15.94 26.11
CA GLU B 249 -33.91 17.13 26.18
C GLU B 249 -33.40 18.18 27.18
N ASN B 250 -32.30 17.91 27.88
CA ASN B 250 -31.72 18.87 28.82
C ASN B 250 -30.40 19.39 28.24
N GLY B 251 -30.52 20.11 27.13
CA GLY B 251 -29.35 20.50 26.36
C GLY B 251 -28.92 19.36 25.45
N GLY B 252 -28.87 18.15 25.98
CA GLY B 252 -28.63 16.96 25.17
C GLY B 252 -27.32 16.91 24.43
N VAL B 253 -26.24 17.39 25.04
CA VAL B 253 -24.91 17.36 24.44
C VAL B 253 -23.98 16.72 25.46
N TRP B 254 -23.82 15.39 25.37
CA TRP B 254 -22.87 14.67 26.19
C TRP B 254 -21.81 14.09 25.26
N GLU B 255 -20.58 14.56 25.42
CA GLU B 255 -19.46 13.99 24.70
C GLU B 255 -18.68 13.06 25.61
N GLY B 256 -17.82 12.24 25.01
CA GLY B 256 -16.99 11.34 25.78
C GLY B 256 -16.19 10.45 24.86
N PHE B 257 -14.88 10.54 24.94
CA PHE B 257 -14.00 9.87 24.00
C PHE B 257 -13.42 8.62 24.65
N GLY B 258 -13.27 7.57 23.86
CA GLY B 258 -12.69 6.35 24.36
C GLY B 258 -11.23 6.56 24.72
N ASP B 259 -10.82 5.93 25.82
CA ASP B 259 -9.46 6.10 26.33
C ASP B 259 -8.58 5.08 25.61
N PHE B 260 -7.93 5.54 24.54
CA PHE B 260 -7.03 4.69 23.76
C PHE B 260 -5.80 5.49 23.38
N SER B 261 -4.72 4.79 23.21
CA SER B 261 -3.45 5.35 22.76
C SER B 261 -3.26 5.09 21.27
N PRO B 262 -2.49 5.92 20.58
CA PRO B 262 -2.20 5.64 19.17
C PRO B 262 -1.56 4.27 18.95
N THR B 263 -0.88 3.73 19.95
CA THR B 263 -0.35 2.38 19.86
C THR B 263 -1.45 1.33 19.84
N ASP B 264 -2.59 1.62 20.48
CA ASP B 264 -3.70 0.68 20.49
C ASP B 264 -4.40 0.60 19.13
N VAL B 265 -4.17 1.57 18.25
CA VAL B 265 -4.72 1.53 16.90
C VAL B 265 -3.91 0.52 16.10
N HIS B 266 -4.49 -0.66 15.87
CA HIS B 266 -3.79 -1.78 15.24
C HIS B 266 -3.87 -1.64 13.73
N ARG B 267 -2.81 -1.11 13.13
CA ARG B 267 -2.65 -1.08 11.67
C ARG B 267 -3.81 -0.39 10.97
N GLN B 268 -4.25 0.74 11.53
CA GLN B 268 -5.23 1.65 10.94
C GLN B 268 -6.65 1.07 10.86
N PHE B 269 -6.85 -0.19 11.23
CA PHE B 269 -8.15 -0.83 11.05
C PHE B 269 -8.79 -1.34 12.33
N ALA B 270 -8.13 -1.20 13.48
CA ALA B 270 -8.69 -1.69 14.73
C ALA B 270 -8.20 -0.82 15.89
N ILE B 271 -9.06 -0.65 16.87
CA ILE B 271 -8.75 0.16 18.06
C ILE B 271 -9.21 -0.61 19.29
N VAL B 272 -8.29 -0.87 20.21
CA VAL B 272 -8.61 -1.44 21.50
C VAL B 272 -8.70 -0.30 22.50
N PHE B 273 -9.89 -0.05 23.05
CA PHE B 273 -10.06 1.13 23.89
C PHE B 273 -10.94 0.79 25.08
N LYS B 274 -11.21 1.80 25.91
CA LYS B 274 -12.00 1.65 27.12
C LYS B 274 -13.12 2.67 27.11
N THR B 275 -14.31 2.23 27.53
CA THR B 275 -15.47 3.10 27.50
C THR B 275 -15.36 4.17 28.58
N PRO B 276 -15.77 5.41 28.30
CA PRO B 276 -15.75 6.46 29.32
C PRO B 276 -16.95 6.34 30.25
N LYS B 277 -16.96 7.18 31.27
CA LYS B 277 -18.05 7.21 32.24
C LYS B 277 -19.17 8.11 31.72
N TYR B 278 -20.40 7.63 31.78
CA TYR B 278 -21.53 8.47 31.42
C TYR B 278 -22.00 9.24 32.65
N LYS B 279 -22.95 10.16 32.45
CA LYS B 279 -23.58 10.86 33.54
C LYS B 279 -24.57 9.93 34.25
N ASP B 280 -25.06 10.39 35.40
CA ASP B 280 -25.91 9.62 36.34
C ASP B 280 -25.38 8.19 36.50
N VAL B 281 -24.22 8.12 37.17
CA VAL B 281 -23.68 6.81 37.52
C VAL B 281 -24.69 6.04 38.36
N ASN B 282 -25.46 6.74 39.19
CA ASN B 282 -26.55 6.13 39.94
C ASN B 282 -27.85 6.16 39.13
N ILE B 283 -27.82 5.40 38.03
CA ILE B 283 -29.01 5.20 37.22
C ILE B 283 -29.67 3.91 37.68
N THR B 284 -30.93 3.76 37.34
CA THR B 284 -31.72 2.58 37.68
C THR B 284 -32.17 1.80 36.45
N LYS B 285 -32.31 2.46 35.31
CA LYS B 285 -32.75 1.87 34.05
C LYS B 285 -31.62 1.88 33.04
N PRO B 286 -31.53 0.87 32.18
CA PRO B 286 -30.48 0.84 31.16
C PRO B 286 -30.66 1.99 30.18
N ALA B 287 -29.63 2.83 30.08
CA ALA B 287 -29.65 3.98 29.19
C ALA B 287 -28.95 3.63 27.89
N SER B 288 -29.41 4.24 26.80
CA SER B 288 -28.88 3.98 25.47
C SER B 288 -28.08 5.19 25.01
N VAL B 289 -26.86 4.94 24.53
CA VAL B 289 -25.98 5.97 23.99
C VAL B 289 -25.48 5.45 22.65
N PHE B 290 -25.17 6.35 21.74
CA PHE B 290 -24.67 5.93 20.44
C PHE B 290 -23.18 6.25 20.31
N VAL B 291 -22.54 5.56 19.38
CA VAL B 291 -21.10 5.62 19.20
C VAL B 291 -20.79 6.00 17.76
N GLN B 292 -19.73 6.79 17.57
CA GLN B 292 -19.27 7.19 16.25
C GLN B 292 -17.75 7.21 16.25
N LEU B 293 -17.19 7.26 15.05
CA LEU B 293 -15.76 7.53 14.85
C LEU B 293 -15.64 8.90 14.22
N ARG B 294 -15.03 9.83 14.94
CA ARG B 294 -14.91 11.21 14.50
C ARG B 294 -13.44 11.51 14.21
N ARG B 295 -13.18 12.08 13.04
CA ARG B 295 -11.83 12.44 12.65
C ARG B 295 -11.40 13.70 13.36
N LYS B 296 -10.21 13.68 13.96
CA LYS B 296 -9.76 14.82 14.75
C LYS B 296 -9.58 16.07 13.91
N SER B 297 -9.14 15.91 12.66
CA SER B 297 -8.93 17.08 11.79
C SER B 297 -10.25 17.62 11.24
N ASP B 298 -11.12 16.73 10.75
CA ASP B 298 -12.33 17.16 10.07
C ASP B 298 -13.57 17.18 10.95
N LEU B 299 -13.55 16.50 12.10
CA LEU B 299 -14.74 16.34 12.94
C LEU B 299 -15.88 15.74 12.13
N GLU B 300 -15.54 14.77 11.29
CA GLU B 300 -16.49 14.14 10.38
C GLU B 300 -17.22 13.01 11.08
N THR B 301 -18.52 12.91 10.82
CA THR B 301 -19.37 11.94 11.51
C THR B 301 -19.31 10.58 10.83
N SER B 302 -19.17 9.53 11.63
CA SER B 302 -19.31 8.16 11.18
C SER B 302 -20.74 7.67 11.40
N GLU B 303 -21.08 6.60 10.69
CA GLU B 303 -22.40 6.00 10.85
C GLU B 303 -22.57 5.48 12.28
N PRO B 304 -23.53 6.00 13.04
CA PRO B 304 -23.62 5.60 14.45
C PRO B 304 -24.10 4.16 14.61
N LYS B 305 -23.69 3.55 15.71
CA LYS B 305 -24.10 2.21 16.09
C LYS B 305 -24.65 2.21 17.50
N PRO B 306 -25.61 1.33 17.81
CA PRO B 306 -26.23 1.36 19.13
C PRO B 306 -25.31 0.87 20.23
N PHE B 307 -25.48 1.46 21.41
CA PHE B 307 -24.72 1.10 22.61
C PHE B 307 -25.58 1.48 23.81
N LEU B 308 -25.32 0.81 24.95
CA LEU B 308 -26.11 1.09 26.14
C LEU B 308 -25.24 1.04 27.37
N TYR B 309 -25.60 1.84 28.37
CA TYR B 309 -24.94 1.86 29.67
C TYR B 309 -25.90 1.33 30.73
N TYR B 310 -25.47 0.32 31.47
CA TYR B 310 -26.29 -0.20 32.56
C TYR B 310 -25.62 0.10 33.90
N PRO B 311 -26.41 0.32 34.97
CA PRO B 311 -25.82 0.58 36.28
C PRO B 311 -25.21 -0.65 36.94
N GLU B 312 -24.68 -0.47 38.13
CA GLU B 312 -24.05 -1.56 38.88
C GLU B 312 -24.83 -1.89 40.14
#